data_6K06
#
_entry.id   6K06
#
_cell.length_a   73.734
_cell.length_b   79.001
_cell.length_c   89.569
_cell.angle_alpha   90.000
_cell.angle_beta   90.000
_cell.angle_gamma   90.000
#
_symmetry.space_group_name_H-M   'P 21 21 21'
#
loop_
_entity.id
_entity.type
_entity.pdbx_description
1 polymer 'Peptide from Golgin subfamily A member 2'
2 polymer 'Importin subunit alpha-1'
3 water water
#
loop_
_entity_poly.entity_id
_entity_poly.type
_entity_poly.pdbx_seq_one_letter_code
_entity_poly.pdbx_strand_id
1 'polypeptide(L)' GPLGSMSEETRQSKLAAAKKKLREYQQRNDPGVPTGAKKKKKIKNGSNPETTT A
2 'polypeptide(L)'
;GSHMNQGTVNWSVEDIVKGINSNNLESQLQATQAARKLLSREKQPPIDNIIRAGLIPKFVSFLGKTDCSPIQFESAWALT
NIASGTSEQTKAVVDGGAIPAFISLLASPHAHISEQAVWALGNIAGDGSAFRDLVIKHGAIDPLLALLAVPDLSTLACGY
LRNLTWTLSNLCRNKNPAPPLDAVEQILPTLVRLLHHNDPEVLADSCWAISYLTDGPNERIEMVVKKGVVPQLVKLLGAT
ELPIVTPALRAIGNIVTGTDEQTQKVIDAGALAVFPSLLTNPKTNIQKEATWTMSNITAGRQDQIQQVVNHGLVPFLVGV
LSKADFKTQKEAAWAITNYTSGGTVEQIVYLVHCGIIEPLMNLLSAKDTKIIQVILDAISNIFQAAEKLGETEKLSIMIE
ECGGLDKIEALQRHENESVYKASLNLIEKYFSV
;
C
#
# COMPACT_ATOMS: atom_id res chain seq x y z
N ALA A 18 -13.49 -17.36 0.69
CA ALA A 18 -13.43 -16.14 1.49
C ALA A 18 -12.38 -15.17 0.94
N LYS A 19 -12.64 -13.88 1.14
CA LYS A 19 -11.69 -12.83 0.77
C LYS A 19 -10.62 -12.72 1.84
N LYS A 20 -9.40 -12.39 1.40
CA LYS A 20 -8.27 -12.21 2.31
C LYS A 20 -7.75 -10.78 2.21
N LYS A 21 -7.62 -10.10 3.35
CA LYS A 21 -7.23 -8.70 3.38
C LYS A 21 -5.72 -8.53 3.23
N LEU A 22 -5.31 -7.28 3.01
CA LEU A 22 -3.90 -6.94 2.79
C LEU A 22 -3.00 -7.42 3.93
N ARG A 23 -3.49 -7.40 5.17
CA ARG A 23 -2.67 -7.81 6.29
C ARG A 23 -2.09 -9.21 6.08
N GLU A 24 -2.90 -10.11 5.50
CA GLU A 24 -2.44 -11.49 5.29
C GLU A 24 -1.43 -11.56 4.16
N TYR A 25 -1.66 -10.79 3.09
CA TYR A 25 -0.66 -10.69 2.02
C TYR A 25 0.65 -10.13 2.56
N GLN A 26 0.57 -9.12 3.43
CA GLN A 26 1.79 -8.53 3.98
C GLN A 26 2.53 -9.51 4.88
N GLN A 27 1.81 -10.33 5.64
CA GLN A 27 2.45 -11.33 6.47
C GLN A 27 3.14 -12.40 5.63
N ARG A 28 2.55 -12.74 4.47
CA ARG A 28 3.20 -13.69 3.58
C ARG A 28 4.46 -13.10 2.93
N ASN A 29 4.46 -11.79 2.65
CA ASN A 29 5.40 -11.23 1.70
C ASN A 29 6.38 -10.20 2.25
N ASP A 30 6.15 -9.66 3.45
CA ASP A 30 7.14 -8.72 4.00
C ASP A 30 8.44 -9.44 4.34
N PRO A 31 9.56 -8.70 4.39
CA PRO A 31 9.69 -7.27 4.15
C PRO A 31 9.71 -6.93 2.66
N GLY A 32 9.45 -5.68 2.33
CA GLY A 32 9.55 -5.21 0.96
C GLY A 32 8.25 -4.89 0.27
N VAL A 33 7.10 -5.18 0.87
CA VAL A 33 5.83 -4.78 0.27
C VAL A 33 5.83 -3.26 0.16
N PRO A 34 5.64 -2.70 -1.04
CA PRO A 34 5.78 -1.24 -1.21
C PRO A 34 4.80 -0.43 -0.37
N THR A 35 5.24 0.78 0.00
CA THR A 35 4.36 1.75 0.65
C THR A 35 4.85 3.15 0.31
N GLY A 36 4.01 4.14 0.58
CA GLY A 36 4.38 5.52 0.34
C GLY A 36 5.50 5.96 1.26
N ALA A 37 6.11 7.09 0.94
CA ALA A 37 7.15 7.63 1.83
C ALA A 37 6.54 8.02 3.17
N LYS A 38 7.19 7.61 4.26
CA LYS A 38 6.66 7.92 5.58
C LYS A 38 7.17 9.25 6.11
N LYS A 39 8.45 9.52 5.95
CA LYS A 39 9.08 10.77 6.38
C LYS A 39 9.98 11.25 5.25
N LYS A 40 10.20 12.57 5.19
CA LYS A 40 11.05 13.16 4.15
C LYS A 40 12.00 14.19 4.75
N LYS A 41 13.27 14.10 4.37
CA LYS A 41 14.30 15.05 4.77
C LYS A 41 14.47 16.11 3.69
N LYS A 42 14.52 17.38 4.09
CA LYS A 42 14.69 18.47 3.14
C LYS A 42 16.18 18.76 2.93
N ILE A 43 16.60 18.68 1.67
CA ILE A 43 17.97 18.93 1.23
C ILE A 43 18.01 20.20 0.38
N TRP B 11 29.07 24.67 11.19
CA TRP B 11 29.43 25.09 12.55
C TRP B 11 29.48 23.90 13.49
N SER B 12 30.11 24.09 14.64
CA SER B 12 29.94 23.15 15.72
C SER B 12 28.66 23.48 16.48
N VAL B 13 28.15 22.48 17.21
CA VAL B 13 26.93 22.71 17.97
C VAL B 13 27.15 23.80 19.00
N GLU B 14 28.36 23.89 19.56
CA GLU B 14 28.64 24.93 20.54
C GLU B 14 28.50 26.31 19.92
N ASP B 15 29.03 26.49 18.70
CA ASP B 15 28.90 27.77 18.02
C ASP B 15 27.44 28.09 17.71
N ILE B 16 26.62 27.07 17.44
CA ILE B 16 25.19 27.29 17.20
C ILE B 16 24.51 27.72 18.50
N VAL B 17 24.79 27.02 19.60
CA VAL B 17 24.19 27.36 20.88
C VAL B 17 24.58 28.78 21.29
N LYS B 18 25.86 29.15 21.10
CA LYS B 18 26.31 30.48 21.46
C LYS B 18 25.54 31.55 20.68
N GLY B 19 25.35 31.34 19.38
CA GLY B 19 24.60 32.29 18.58
C GLY B 19 23.13 32.29 18.90
N ILE B 20 22.55 31.11 19.14
CA ILE B 20 21.14 31.03 19.52
C ILE B 20 20.91 31.70 20.86
N ASN B 21 21.88 31.56 21.77
CA ASN B 21 21.77 32.15 23.10
C ASN B 21 22.41 33.52 23.21
N SER B 22 22.54 34.23 22.09
CA SER B 22 22.97 35.62 22.14
C SER B 22 21.75 36.53 22.27
N ASN B 23 22.00 37.77 22.67
CA ASN B 23 20.98 38.80 22.72
C ASN B 23 20.92 39.61 21.43
N ASN B 24 21.28 38.99 20.31
CA ASN B 24 21.32 39.63 19.00
C ASN B 24 20.54 38.77 18.02
N LEU B 25 19.45 39.32 17.48
CA LEU B 25 18.57 38.54 16.62
C LEU B 25 19.27 38.13 15.32
N GLU B 26 20.12 38.99 14.76
CA GLU B 26 20.84 38.60 13.55
C GLU B 26 21.79 37.45 13.84
N SER B 27 22.40 37.43 15.02
CA SER B 27 23.20 36.28 15.41
C SER B 27 22.34 35.03 15.55
N GLN B 28 21.13 35.19 16.09
CA GLN B 28 20.22 34.04 16.20
C GLN B 28 19.84 33.49 14.84
N LEU B 29 19.50 34.36 13.89
CA LEU B 29 19.18 33.88 12.55
C LEU B 29 20.36 33.16 11.91
N GLN B 30 21.55 33.73 12.07
CA GLN B 30 22.76 33.11 11.52
C GLN B 30 23.00 31.73 12.12
N ALA B 31 22.85 31.60 13.44
CA ALA B 31 23.06 30.30 14.08
C ALA B 31 21.97 29.30 13.70
N THR B 32 20.72 29.75 13.58
CA THR B 32 19.65 28.86 13.15
C THR B 32 19.90 28.36 11.74
N GLN B 33 20.38 29.25 10.87
CA GLN B 33 20.77 28.87 9.52
C GLN B 33 21.86 27.81 9.55
N ALA B 34 22.87 28.00 10.40
CA ALA B 34 23.93 27.00 10.52
C ALA B 34 23.39 25.67 11.04
N ALA B 35 22.41 25.73 11.96
CA ALA B 35 21.79 24.48 12.40
C ALA B 35 21.05 23.79 11.26
N ARG B 36 20.32 24.56 10.44
CA ARG B 36 19.57 23.98 9.33
C ARG B 36 20.48 23.30 8.34
N LYS B 37 21.64 23.92 8.05
CA LYS B 37 22.60 23.31 7.14
C LYS B 37 23.22 22.06 7.76
N LEU B 38 23.54 22.10 9.05
CA LEU B 38 24.09 20.92 9.71
C LEU B 38 23.10 19.76 9.68
N LEU B 39 21.81 20.03 9.94
CA LEU B 39 20.81 18.98 9.96
C LEU B 39 20.42 18.50 8.56
N SER B 40 20.84 19.20 7.51
CA SER B 40 20.53 18.77 6.16
C SER B 40 21.69 18.06 5.48
N ARG B 41 22.87 18.01 6.11
CA ARG B 41 24.05 17.42 5.47
C ARG B 41 23.81 15.95 5.16
N GLU B 42 24.51 15.45 4.14
CA GLU B 42 24.19 14.14 3.58
C GLU B 42 24.44 13.01 4.59
N LYS B 43 25.61 12.99 5.20
CA LYS B 43 26.06 11.85 6.00
C LYS B 43 25.91 12.15 7.49
N GLN B 44 24.99 11.40 8.12
CA GLN B 44 24.71 11.35 9.56
C GLN B 44 24.68 12.74 10.21
N PRO B 45 23.63 13.51 9.97
CA PRO B 45 23.46 14.79 10.67
C PRO B 45 23.35 14.59 12.17
N PRO B 46 23.94 15.43 12.95
CA PRO B 46 24.01 15.25 14.41
C PRO B 46 22.72 15.66 15.12
N ILE B 47 21.64 14.91 14.83
CA ILE B 47 20.32 15.24 15.37
C ILE B 47 20.33 15.17 16.90
N ASP B 48 20.87 14.10 17.46
CA ASP B 48 20.83 13.92 18.91
C ASP B 48 21.64 14.97 19.64
N ASN B 49 22.80 15.36 19.10
CA ASN B 49 23.58 16.40 19.76
C ASN B 49 22.82 17.72 19.77
N ILE B 50 22.06 17.99 18.72
CA ILE B 50 21.25 19.20 18.68
C ILE B 50 20.11 19.11 19.67
N ILE B 51 19.51 17.93 19.82
CA ILE B 51 18.45 17.74 20.81
C ILE B 51 19.01 17.93 22.23
N ARG B 52 20.13 17.26 22.53
CA ARG B 52 20.71 17.36 23.86
C ARG B 52 21.10 18.79 24.20
N ALA B 53 21.44 19.59 23.19
CA ALA B 53 21.80 20.99 23.42
C ALA B 53 20.60 21.84 23.83
N GLY B 54 19.40 21.28 23.85
CA GLY B 54 18.22 22.02 24.25
C GLY B 54 17.70 22.98 23.22
N LEU B 55 17.98 22.74 21.93
CA LEU B 55 17.68 23.72 20.89
C LEU B 55 16.26 23.62 20.37
N ILE B 56 15.55 22.51 20.57
CA ILE B 56 14.20 22.41 20.04
C ILE B 56 13.28 23.49 20.60
N PRO B 57 13.24 23.75 21.91
CA PRO B 57 12.38 24.85 22.40
C PRO B 57 12.71 26.19 21.80
N LYS B 58 13.98 26.46 21.50
CA LYS B 58 14.32 27.73 20.85
C LYS B 58 13.76 27.77 19.44
N PHE B 59 13.94 26.69 18.67
CA PHE B 59 13.40 26.62 17.32
C PHE B 59 11.88 26.79 17.31
N VAL B 60 11.19 26.14 18.25
CA VAL B 60 9.74 26.27 18.31
C VAL B 60 9.34 27.71 18.62
N SER B 61 10.08 28.36 19.52
CA SER B 61 9.83 29.79 19.78
C SER B 61 10.00 30.62 18.52
N PHE B 62 11.01 30.31 17.70
CA PHE B 62 11.25 31.08 16.50
C PHE B 62 10.10 30.96 15.49
N LEU B 63 9.39 29.83 15.48
CA LEU B 63 8.26 29.67 14.57
C LEU B 63 7.19 30.74 14.77
N GLY B 64 7.12 31.31 15.97
CA GLY B 64 6.17 32.35 16.29
C GLY B 64 6.62 33.77 16.00
N LYS B 65 7.81 33.97 15.42
CA LYS B 65 8.34 35.31 15.19
C LYS B 65 7.85 35.85 13.85
N THR B 66 6.59 36.28 13.84
CA THR B 66 5.95 36.77 12.61
C THR B 66 6.73 37.93 11.99
N ASP B 67 7.37 38.73 12.83
CA ASP B 67 8.22 39.81 12.34
C ASP B 67 9.34 39.27 11.47
N CYS B 68 10.11 38.32 11.99
CA CYS B 68 11.33 37.85 11.32
C CYS B 68 11.02 36.55 10.58
N SER B 69 10.42 36.70 9.40
CA SER B 69 10.11 35.53 8.59
C SER B 69 11.34 34.68 8.22
N PRO B 70 12.55 35.23 8.03
CA PRO B 70 13.69 34.33 7.75
C PRO B 70 13.97 33.33 8.86
N ILE B 71 13.81 33.73 10.12
CA ILE B 71 14.11 32.79 11.20
C ILE B 71 12.96 31.81 11.40
N GLN B 72 11.73 32.21 11.02
CA GLN B 72 10.64 31.24 10.96
C GLN B 72 10.96 30.12 9.97
N PHE B 73 11.43 30.51 8.77
CA PHE B 73 11.69 29.51 7.74
C PHE B 73 12.84 28.60 8.14
N GLU B 74 13.95 29.19 8.60
CA GLU B 74 15.10 28.39 8.99
C GLU B 74 14.77 27.45 10.15
N SER B 75 13.99 27.93 11.13
CA SER B 75 13.63 27.04 12.24
C SER B 75 12.65 25.97 11.79
N ALA B 76 11.74 26.30 10.87
CA ALA B 76 10.81 25.27 10.38
C ALA B 76 11.55 24.18 9.63
N TRP B 77 12.58 24.57 8.86
CA TRP B 77 13.39 23.60 8.12
C TRP B 77 14.21 22.74 9.08
N ALA B 78 14.87 23.38 10.07
CA ALA B 78 15.62 22.60 11.04
C ALA B 78 14.72 21.58 11.77
N LEU B 79 13.54 22.03 12.23
CA LEU B 79 12.63 21.09 12.92
C LEU B 79 12.10 20.02 11.97
N THR B 80 11.82 20.38 10.71
CA THR B 80 11.42 19.36 9.74
C THR B 80 12.43 18.22 9.71
N ASN B 81 13.72 18.55 9.71
CA ASN B 81 14.73 17.50 9.53
C ASN B 81 15.02 16.74 10.81
N ILE B 82 14.72 17.31 11.98
CA ILE B 82 14.71 16.50 13.19
C ILE B 82 13.52 15.54 13.17
N ALA B 83 12.34 16.03 12.78
CA ALA B 83 11.14 15.19 12.75
C ALA B 83 11.19 14.15 11.65
N SER B 84 12.11 14.26 10.70
CA SER B 84 12.32 13.24 9.68
C SER B 84 13.06 12.02 10.21
N GLY B 85 13.51 12.05 11.45
CA GLY B 85 14.34 10.99 12.00
C GLY B 85 13.56 9.85 12.65
N THR B 86 14.13 9.29 13.73
CA THR B 86 13.51 8.20 14.46
C THR B 86 12.25 8.68 15.18
N SER B 87 11.49 7.72 15.69
CA SER B 87 10.32 8.07 16.51
C SER B 87 10.72 8.89 17.73
N GLU B 88 11.87 8.58 18.35
CA GLU B 88 12.29 9.35 19.51
C GLU B 88 12.64 10.78 19.12
N GLN B 89 13.20 10.97 17.93
CA GLN B 89 13.54 12.31 17.46
C GLN B 89 12.29 13.08 17.07
N THR B 90 11.32 12.41 16.47
CA THR B 90 10.04 13.06 16.18
C THR B 90 9.32 13.42 17.48
N LYS B 91 9.38 12.54 18.49
CA LYS B 91 8.76 12.84 19.77
C LYS B 91 9.38 14.08 20.41
N ALA B 92 10.71 14.26 20.29
CA ALA B 92 11.32 15.44 20.87
C ALA B 92 10.76 16.71 20.25
N VAL B 93 10.46 16.69 18.95
CA VAL B 93 9.84 17.83 18.28
C VAL B 93 8.43 18.08 18.81
N VAL B 94 7.63 17.01 18.88
CA VAL B 94 6.27 17.14 19.43
C VAL B 94 6.31 17.64 20.87
N ASP B 95 7.18 17.05 21.70
CA ASP B 95 7.32 17.43 23.09
C ASP B 95 7.72 18.89 23.28
N GLY B 96 8.29 19.52 22.26
CA GLY B 96 8.62 20.92 22.36
C GLY B 96 7.48 21.86 22.00
N GLY B 97 6.30 21.33 21.70
CA GLY B 97 5.16 22.17 21.35
C GLY B 97 5.04 22.48 19.88
N ALA B 98 5.73 21.72 19.01
CA ALA B 98 5.79 22.09 17.59
C ALA B 98 4.47 21.93 16.87
N ILE B 99 3.60 21.02 17.30
CA ILE B 99 2.40 20.74 16.49
C ILE B 99 1.56 22.00 16.37
N PRO B 100 1.12 22.64 17.47
CA PRO B 100 0.32 23.86 17.30
C PRO B 100 1.09 25.00 16.66
N ALA B 101 2.40 25.09 16.91
CA ALA B 101 3.19 26.15 16.28
C ALA B 101 3.22 25.99 14.76
N PHE B 102 3.35 24.75 14.27
CA PHE B 102 3.32 24.54 12.83
C PHE B 102 1.91 24.77 12.26
N ILE B 103 0.86 24.36 12.98
CA ILE B 103 -0.47 24.61 12.44
C ILE B 103 -0.72 26.12 12.32
N SER B 104 -0.24 26.91 13.28
CA SER B 104 -0.34 28.37 13.18
C SER B 104 0.37 28.90 11.94
N LEU B 105 1.50 28.29 11.57
CA LEU B 105 2.27 28.74 10.41
C LEU B 105 1.61 28.39 9.07
N LEU B 106 0.61 27.51 9.04
CA LEU B 106 -0.04 27.20 7.77
C LEU B 106 -0.65 28.44 7.13
N ALA B 107 -1.04 29.43 7.95
CA ALA B 107 -1.66 30.67 7.49
C ALA B 107 -0.65 31.74 7.12
N SER B 108 0.64 31.42 7.05
CA SER B 108 1.63 32.45 6.79
C SER B 108 1.41 33.06 5.42
N PRO B 109 1.58 34.38 5.27
CA PRO B 109 1.50 34.97 3.93
C PRO B 109 2.64 34.57 3.02
N HIS B 110 3.70 33.95 3.55
CA HIS B 110 4.82 33.50 2.74
C HIS B 110 4.62 32.04 2.38
N ALA B 111 4.43 31.76 1.08
CA ALA B 111 4.11 30.40 0.67
C ALA B 111 5.20 29.41 1.05
N HIS B 112 6.47 29.84 1.04
CA HIS B 112 7.54 28.89 1.33
C HIS B 112 7.57 28.52 2.81
N ILE B 113 7.11 29.41 3.68
CA ILE B 113 7.03 29.08 5.10
C ILE B 113 5.80 28.21 5.37
N SER B 114 4.66 28.53 4.76
CA SER B 114 3.49 27.67 4.89
C SER B 114 3.79 26.26 4.39
N GLU B 115 4.52 26.17 3.28
CA GLU B 115 4.89 24.87 2.72
C GLU B 115 5.77 24.10 3.69
N GLN B 116 6.72 24.77 4.34
CA GLN B 116 7.58 24.10 5.30
C GLN B 116 6.79 23.55 6.47
N ALA B 117 5.76 24.30 6.93
CA ALA B 117 4.92 23.79 8.01
C ALA B 117 4.13 22.56 7.58
N VAL B 118 3.59 22.57 6.34
CA VAL B 118 2.91 21.39 5.81
C VAL B 118 3.82 20.17 5.88
N TRP B 119 5.07 20.36 5.43
CA TRP B 119 6.07 19.30 5.38
C TRP B 119 6.35 18.75 6.78
N ALA B 120 6.63 19.64 7.74
CA ALA B 120 6.89 19.18 9.09
C ALA B 120 5.71 18.39 9.66
N LEU B 121 4.48 18.86 9.40
CA LEU B 121 3.32 18.15 9.91
C LEU B 121 3.20 16.78 9.27
N GLY B 122 3.61 16.66 8.00
CA GLY B 122 3.63 15.36 7.35
C GLY B 122 4.61 14.40 8.01
N ASN B 123 5.79 14.88 8.38
CA ASN B 123 6.75 14.02 9.08
C ASN B 123 6.21 13.59 10.42
N ILE B 124 5.58 14.50 11.16
CA ILE B 124 5.05 14.15 12.47
C ILE B 124 3.92 13.14 12.35
N ALA B 125 2.96 13.38 11.44
CA ALA B 125 1.86 12.43 11.28
C ALA B 125 2.36 11.11 10.73
N GLY B 126 3.42 11.13 9.92
CA GLY B 126 3.96 9.91 9.36
C GLY B 126 4.62 8.98 10.35
N ASP B 127 4.83 9.44 11.58
CA ASP B 127 5.49 8.61 12.56
C ASP B 127 4.62 7.44 13.01
N GLY B 128 3.31 7.62 13.06
CA GLY B 128 2.45 6.57 13.55
C GLY B 128 1.09 7.11 13.90
N SER B 129 0.20 6.18 14.30
CA SER B 129 -1.20 6.53 14.45
C SER B 129 -1.45 7.51 15.61
N ALA B 130 -0.70 7.40 16.71
CA ALA B 130 -0.91 8.32 17.82
C ALA B 130 -0.54 9.75 17.45
N PHE B 131 0.64 9.97 16.84
CA PHE B 131 0.99 11.33 16.40
C PHE B 131 0.10 11.80 15.26
N ARG B 132 -0.32 10.90 14.34
CA ARG B 132 -1.32 11.26 13.34
C ARG B 132 -2.58 11.80 13.99
N ASP B 133 -3.12 11.07 14.96
CA ASP B 133 -4.35 11.51 15.60
C ASP B 133 -4.12 12.76 16.44
N LEU B 134 -2.92 12.95 16.98
CA LEU B 134 -2.64 14.18 17.73
C LEU B 134 -2.57 15.39 16.82
N VAL B 135 -2.00 15.25 15.63
CA VAL B 135 -2.00 16.35 14.67
C VAL B 135 -3.45 16.69 14.31
N ILE B 136 -4.29 15.67 14.13
CA ILE B 136 -5.70 15.92 13.82
C ILE B 136 -6.39 16.63 14.97
N LYS B 137 -6.17 16.17 16.21
CA LYS B 137 -6.80 16.82 17.36
C LYS B 137 -6.40 18.29 17.49
N HIS B 138 -5.17 18.66 17.14
CA HIS B 138 -4.80 20.08 17.22
C HIS B 138 -5.44 20.91 16.11
N GLY B 139 -6.24 20.30 15.23
CA GLY B 139 -6.95 21.04 14.22
C GLY B 139 -6.23 21.26 12.90
N ALA B 140 -5.35 20.36 12.49
CA ALA B 140 -4.59 20.60 11.27
C ALA B 140 -5.43 20.47 10.00
N ILE B 141 -6.53 19.71 10.02
CA ILE B 141 -7.19 19.38 8.76
C ILE B 141 -7.85 20.62 8.14
N ASP B 142 -8.56 21.41 8.93
CA ASP B 142 -9.24 22.57 8.35
C ASP B 142 -8.27 23.51 7.64
N PRO B 143 -7.19 24.01 8.26
CA PRO B 143 -6.27 24.89 7.51
C PRO B 143 -5.56 24.21 6.36
N LEU B 144 -5.29 22.89 6.44
CA LEU B 144 -4.67 22.20 5.31
C LEU B 144 -5.61 22.15 4.11
N LEU B 145 -6.87 21.78 4.34
CA LEU B 145 -7.82 21.77 3.23
C LEU B 145 -8.07 23.17 2.70
N ALA B 146 -8.05 24.18 3.58
CA ALA B 146 -8.28 25.56 3.12
C ALA B 146 -7.22 26.00 2.11
N LEU B 147 -5.98 25.51 2.25
CA LEU B 147 -4.94 25.83 1.28
C LEU B 147 -5.26 25.26 -0.10
N LEU B 148 -6.10 24.23 -0.18
CA LEU B 148 -6.47 23.58 -1.43
C LEU B 148 -7.84 24.00 -1.96
N ALA B 149 -8.53 24.92 -1.28
CA ALA B 149 -9.90 25.27 -1.64
C ALA B 149 -9.92 26.40 -2.68
N VAL B 150 -9.25 26.16 -3.80
CA VAL B 150 -9.27 27.09 -4.93
C VAL B 150 -9.92 26.39 -6.11
N PRO B 151 -10.54 27.13 -7.05
CA PRO B 151 -11.24 26.45 -8.15
C PRO B 151 -10.32 25.71 -9.10
N ASP B 152 -9.10 26.20 -9.31
CA ASP B 152 -8.14 25.59 -10.24
C ASP B 152 -6.87 25.25 -9.48
N LEU B 153 -6.59 23.95 -9.35
CA LEU B 153 -5.42 23.51 -8.59
C LEU B 153 -4.10 23.90 -9.25
N SER B 154 -4.10 24.18 -10.56
CA SER B 154 -2.86 24.66 -11.17
C SER B 154 -2.54 26.09 -10.76
N THR B 155 -3.42 26.73 -9.99
CA THR B 155 -3.09 27.99 -9.33
C THR B 155 -1.86 27.82 -8.44
N LEU B 156 -1.71 26.66 -7.80
CA LEU B 156 -0.70 26.46 -6.77
C LEU B 156 0.62 25.97 -7.37
N ALA B 157 1.71 26.34 -6.72
CA ALA B 157 3.02 25.87 -7.14
C ALA B 157 3.09 24.34 -7.06
N CYS B 158 3.81 23.75 -8.01
CA CYS B 158 3.83 22.29 -8.12
C CYS B 158 4.38 21.64 -6.85
N GLY B 159 5.52 22.12 -6.36
CA GLY B 159 6.08 21.57 -5.14
C GLY B 159 5.18 21.76 -3.94
N TYR B 160 4.46 22.88 -3.88
CA TYR B 160 3.49 23.13 -2.82
C TYR B 160 2.38 22.08 -2.85
N LEU B 161 1.81 21.85 -4.03
CA LEU B 161 0.73 20.89 -4.17
C LEU B 161 1.18 19.48 -3.82
N ARG B 162 2.41 19.13 -4.21
CA ARG B 162 2.92 17.80 -3.87
C ARG B 162 3.08 17.62 -2.36
N ASN B 163 3.52 18.68 -1.68
CA ASN B 163 3.66 18.58 -0.22
C ASN B 163 2.31 18.45 0.46
N LEU B 164 1.33 19.24 0.04
CA LEU B 164 0.00 19.11 0.63
C LEU B 164 -0.58 17.71 0.41
N THR B 165 -0.41 17.17 -0.80
CA THR B 165 -0.95 15.84 -1.08
C THR B 165 -0.27 14.79 -0.21
N TRP B 166 1.06 14.85 -0.09
CA TRP B 166 1.78 13.85 0.70
C TRP B 166 1.38 13.94 2.17
N THR B 167 1.29 15.15 2.71
CA THR B 167 0.91 15.29 4.11
C THR B 167 -0.51 14.81 4.35
N LEU B 168 -1.45 15.13 3.46
CA LEU B 168 -2.80 14.58 3.59
C LEU B 168 -2.77 13.06 3.55
N SER B 169 -1.91 12.48 2.70
CA SER B 169 -1.87 11.01 2.64
C SER B 169 -1.39 10.41 3.96
N ASN B 170 -0.51 11.10 4.69
CA ASN B 170 -0.09 10.57 5.98
C ASN B 170 -1.18 10.70 7.04
N LEU B 171 -2.07 11.67 6.92
CA LEU B 171 -3.22 11.75 7.81
C LEU B 171 -4.24 10.64 7.55
N CYS B 172 -4.24 10.06 6.34
CA CYS B 172 -5.09 8.93 5.99
C CYS B 172 -4.46 7.58 6.32
N ARG B 173 -3.22 7.57 6.79
CA ARG B 173 -2.40 6.38 6.87
C ARG B 173 -2.48 5.71 8.24
N ASN B 174 -2.17 4.41 8.25
CA ASN B 174 -1.85 3.63 9.45
C ASN B 174 -3.09 3.07 10.13
N LYS B 175 -2.84 2.12 11.03
CA LYS B 175 -3.87 1.25 11.58
C LYS B 175 -3.72 1.18 13.09
N ASN B 176 -4.67 0.49 13.71
CA ASN B 176 -4.66 0.31 15.16
C ASN B 176 -4.43 1.61 15.94
N PRO B 177 -5.33 2.59 15.78
CA PRO B 177 -6.56 2.56 14.98
C PRO B 177 -6.43 3.22 13.63
N ALA B 178 -7.42 2.99 12.77
CA ALA B 178 -7.53 3.76 11.55
C ALA B 178 -7.84 5.22 11.90
N PRO B 179 -7.66 6.15 10.97
CA PRO B 179 -7.97 7.54 11.26
C PRO B 179 -9.43 7.71 11.62
N PRO B 180 -9.76 8.74 12.41
CA PRO B 180 -11.15 8.97 12.81
C PRO B 180 -12.06 9.11 11.59
N LEU B 181 -13.27 8.56 11.71
CA LEU B 181 -14.20 8.58 10.58
C LEU B 181 -14.49 10.00 10.12
N ASP B 182 -14.68 10.92 11.09
CA ASP B 182 -15.01 12.30 10.74
C ASP B 182 -13.88 12.94 9.95
N ALA B 183 -12.63 12.60 10.28
CA ALA B 183 -11.49 13.14 9.57
C ALA B 183 -11.43 12.62 8.14
N VAL B 184 -11.68 11.30 7.96
CA VAL B 184 -11.65 10.73 6.62
C VAL B 184 -12.75 11.33 5.78
N GLU B 185 -13.95 11.48 6.37
CA GLU B 185 -15.06 12.10 5.65
C GLU B 185 -14.72 13.52 5.22
N GLN B 186 -14.00 14.27 6.06
CA GLN B 186 -13.68 15.66 5.75
C GLN B 186 -12.61 15.76 4.67
N ILE B 187 -11.65 14.84 4.67
CA ILE B 187 -10.54 14.87 3.70
C ILE B 187 -10.94 14.32 2.32
N LEU B 188 -11.86 13.35 2.27
CA LEU B 188 -12.09 12.60 1.02
C LEU B 188 -12.40 13.46 -0.19
N PRO B 189 -13.28 14.46 -0.13
CA PRO B 189 -13.59 15.21 -1.35
C PRO B 189 -12.37 15.89 -1.97
N THR B 190 -11.47 16.41 -1.14
CA THR B 190 -10.24 17.00 -1.66
C THR B 190 -9.35 15.92 -2.28
N LEU B 191 -9.30 14.74 -1.64
CA LEU B 191 -8.57 13.62 -2.21
C LEU B 191 -9.08 13.28 -3.60
N VAL B 192 -10.39 13.30 -3.80
CA VAL B 192 -10.95 12.95 -5.11
C VAL B 192 -10.49 13.94 -6.17
N ARG B 193 -10.44 15.23 -5.83
CA ARG B 193 -9.94 16.22 -6.79
C ARG B 193 -8.49 15.94 -7.15
N LEU B 194 -7.65 15.72 -6.14
CA LEU B 194 -6.23 15.49 -6.38
C LEU B 194 -6.00 14.24 -7.22
N LEU B 195 -6.88 13.24 -7.08
CA LEU B 195 -6.78 12.02 -7.87
C LEU B 195 -6.97 12.28 -9.37
N HIS B 196 -7.48 13.44 -9.74
CA HIS B 196 -7.67 13.80 -11.14
C HIS B 196 -6.70 14.89 -11.59
N HIS B 197 -5.78 15.32 -10.73
CA HIS B 197 -4.87 16.39 -11.08
C HIS B 197 -3.73 15.84 -11.93
N ASN B 198 -3.28 16.63 -12.90
CA ASN B 198 -2.32 16.15 -13.89
C ASN B 198 -0.89 16.49 -13.43
N ASP B 199 -0.48 15.87 -12.33
CA ASP B 199 0.91 15.87 -11.91
C ASP B 199 1.22 14.45 -11.42
N PRO B 200 2.31 13.84 -11.91
CA PRO B 200 2.54 12.43 -11.57
C PRO B 200 2.74 12.17 -10.09
N GLU B 201 3.42 13.06 -9.36
CA GLU B 201 3.61 12.84 -7.92
C GLU B 201 2.32 13.08 -7.15
N VAL B 202 1.55 14.10 -7.53
CA VAL B 202 0.25 14.29 -6.90
C VAL B 202 -0.62 13.06 -7.12
N LEU B 203 -0.64 12.52 -8.35
CA LEU B 203 -1.41 11.31 -8.61
C LEU B 203 -0.93 10.14 -7.75
N ALA B 204 0.39 9.95 -7.65
CA ALA B 204 0.91 8.83 -6.89
C ALA B 204 0.48 8.92 -5.43
N ASP B 205 0.65 10.10 -4.81
CA ASP B 205 0.34 10.17 -3.39
C ASP B 205 -1.16 10.22 -3.12
N SER B 206 -1.95 10.72 -4.08
CA SER B 206 -3.40 10.54 -4.00
C SER B 206 -3.78 9.07 -4.00
N CYS B 207 -3.16 8.28 -4.89
CA CYS B 207 -3.43 6.85 -4.89
C CYS B 207 -2.96 6.19 -3.61
N TRP B 208 -1.83 6.62 -3.05
CA TRP B 208 -1.42 6.05 -1.76
C TRP B 208 -2.47 6.32 -0.70
N ALA B 209 -2.98 7.56 -0.65
CA ALA B 209 -3.99 7.91 0.34
C ALA B 209 -5.21 7.02 0.22
N ILE B 210 -5.71 6.83 -1.01
CA ILE B 210 -6.85 5.96 -1.24
C ILE B 210 -6.52 4.52 -0.88
N SER B 211 -5.29 4.08 -1.16
CA SER B 211 -4.93 2.72 -0.78
C SER B 211 -4.97 2.54 0.74
N TYR B 212 -4.54 3.54 1.50
CA TYR B 212 -4.63 3.44 2.96
C TYR B 212 -6.07 3.36 3.41
N LEU B 213 -6.92 4.24 2.88
CA LEU B 213 -8.32 4.31 3.31
C LEU B 213 -9.10 3.05 2.95
N THR B 214 -8.67 2.30 1.94
CA THR B 214 -9.44 1.13 1.52
C THR B 214 -8.96 -0.17 2.15
N ASP B 215 -7.98 -0.12 3.04
CA ASP B 215 -7.50 -1.32 3.73
C ASP B 215 -8.16 -1.36 5.11
N GLY B 216 -9.12 -2.27 5.28
CA GLY B 216 -9.81 -2.41 6.54
C GLY B 216 -11.18 -3.03 6.37
N PRO B 217 -12.06 -2.81 7.35
CA PRO B 217 -13.44 -3.31 7.25
C PRO B 217 -14.12 -2.79 5.99
N ASN B 218 -15.11 -3.55 5.51
CA ASN B 218 -15.73 -3.22 4.23
C ASN B 218 -16.44 -1.87 4.26
N GLU B 219 -16.79 -1.39 5.46
CA GLU B 219 -17.40 -0.06 5.57
C GLU B 219 -16.43 1.03 5.14
N ARG B 220 -15.14 0.82 5.39
CA ARG B 220 -14.12 1.77 4.96
C ARG B 220 -13.98 1.77 3.44
N ILE B 221 -14.01 0.58 2.84
CA ILE B 221 -14.03 0.50 1.38
C ILE B 221 -15.23 1.24 0.82
N GLU B 222 -16.41 0.95 1.38
CA GLU B 222 -17.65 1.57 0.92
C GLU B 222 -17.54 3.11 0.89
N MET B 223 -17.07 3.74 1.99
CA MET B 223 -16.85 5.20 2.02
C MET B 223 -16.13 5.73 0.77
N VAL B 224 -15.03 5.08 0.37
CA VAL B 224 -14.24 5.54 -0.78
C VAL B 224 -14.97 5.28 -2.10
N VAL B 225 -15.51 4.07 -2.24
CA VAL B 225 -16.12 3.66 -3.49
C VAL B 225 -17.37 4.50 -3.78
N LYS B 226 -18.11 4.89 -2.73
CA LYS B 226 -19.24 5.81 -2.89
C LYS B 226 -18.85 7.12 -3.57
N LYS B 227 -17.59 7.52 -3.52
CA LYS B 227 -17.16 8.77 -4.11
C LYS B 227 -16.89 8.66 -5.61
N GLY B 228 -17.10 7.50 -6.23
CA GLY B 228 -16.99 7.39 -7.67
C GLY B 228 -15.57 7.28 -8.18
N VAL B 229 -14.66 6.79 -7.34
CA VAL B 229 -13.23 6.86 -7.60
C VAL B 229 -12.70 5.69 -8.44
N VAL B 230 -13.45 4.62 -8.58
CA VAL B 230 -12.93 3.37 -9.14
C VAL B 230 -12.56 3.54 -10.62
N PRO B 231 -13.38 4.18 -11.46
CA PRO B 231 -12.94 4.39 -12.86
C PRO B 231 -11.60 5.10 -12.99
N GLN B 232 -11.36 6.14 -12.17
CA GLN B 232 -10.08 6.84 -12.24
C GLN B 232 -8.94 5.95 -11.74
N LEU B 233 -9.20 5.14 -10.71
CA LEU B 233 -8.18 4.18 -10.27
C LEU B 233 -7.83 3.20 -11.39
N VAL B 234 -8.83 2.73 -12.12
CA VAL B 234 -8.55 1.80 -13.23
C VAL B 234 -7.75 2.49 -14.34
N LYS B 235 -8.05 3.76 -14.62
CA LYS B 235 -7.23 4.48 -15.59
C LYS B 235 -5.78 4.58 -15.13
N LEU B 236 -5.57 4.90 -13.85
CA LEU B 236 -4.21 5.03 -13.34
C LEU B 236 -3.50 3.68 -13.29
N LEU B 237 -4.28 2.61 -13.18
CA LEU B 237 -3.72 1.26 -13.27
C LEU B 237 -2.94 1.06 -14.57
N GLY B 238 -3.30 1.77 -15.63
CA GLY B 238 -2.60 1.71 -16.90
C GLY B 238 -1.57 2.77 -17.16
N ALA B 239 -1.18 3.56 -16.15
CA ALA B 239 -0.17 4.59 -16.35
C ALA B 239 1.19 3.96 -16.66
N THR B 240 2.06 4.73 -17.33
CA THR B 240 3.42 4.24 -17.58
C THR B 240 4.35 4.45 -16.40
N GLU B 241 3.97 5.31 -15.43
CA GLU B 241 4.83 5.58 -14.28
C GLU B 241 4.60 4.50 -13.23
N LEU B 242 5.62 3.69 -12.97
CA LEU B 242 5.56 2.71 -11.89
C LEU B 242 5.17 3.32 -10.54
N PRO B 243 5.62 4.53 -10.17
CA PRO B 243 5.15 5.11 -8.90
C PRO B 243 3.65 5.39 -8.87
N ILE B 244 2.96 5.39 -10.01
CA ILE B 244 1.50 5.53 -10.03
C ILE B 244 0.82 4.16 -10.05
N VAL B 245 1.30 3.26 -10.90
CA VAL B 245 0.70 1.93 -11.01
C VAL B 245 0.70 1.23 -9.66
N THR B 246 1.81 1.38 -8.91
CA THR B 246 1.95 0.64 -7.66
C THR B 246 0.83 0.97 -6.68
N PRO B 247 0.59 2.24 -6.29
CA PRO B 247 -0.53 2.50 -5.38
C PRO B 247 -1.90 2.30 -6.03
N ALA B 248 -2.04 2.55 -7.33
CA ALA B 248 -3.33 2.32 -7.98
C ALA B 248 -3.72 0.86 -7.87
N LEU B 249 -2.78 -0.05 -8.14
CA LEU B 249 -3.06 -1.49 -8.02
C LEU B 249 -3.29 -1.88 -6.57
N ARG B 250 -2.57 -1.26 -5.63
CA ARG B 250 -2.84 -1.55 -4.22
C ARG B 250 -4.28 -1.19 -3.86
N ALA B 251 -4.75 -0.03 -4.31
CA ALA B 251 -6.11 0.41 -3.97
C ALA B 251 -7.14 -0.52 -4.59
N ILE B 252 -6.94 -0.89 -5.87
CA ILE B 252 -7.83 -1.84 -6.53
C ILE B 252 -7.82 -3.18 -5.80
N GLY B 253 -6.62 -3.65 -5.44
CA GLY B 253 -6.52 -4.88 -4.67
C GLY B 253 -7.27 -4.82 -3.35
N ASN B 254 -7.21 -3.69 -2.66
CA ASN B 254 -7.94 -3.56 -1.41
C ASN B 254 -9.44 -3.60 -1.67
N ILE B 255 -9.91 -2.93 -2.72
CA ILE B 255 -11.35 -2.83 -2.96
C ILE B 255 -11.95 -4.21 -3.21
N VAL B 256 -11.23 -5.10 -3.93
CA VAL B 256 -11.77 -6.43 -4.21
C VAL B 256 -11.65 -7.40 -3.05
N THR B 257 -11.07 -6.98 -1.90
CA THR B 257 -11.23 -7.78 -0.68
C THR B 257 -12.58 -7.54 -0.01
N GLY B 258 -13.42 -6.70 -0.58
CA GLY B 258 -14.68 -6.30 0.03
C GLY B 258 -15.84 -7.16 -0.40
N THR B 259 -17.02 -6.54 -0.45
CA THR B 259 -18.24 -7.25 -0.81
C THR B 259 -18.25 -7.59 -2.30
N ASP B 260 -19.20 -8.44 -2.68
CA ASP B 260 -19.33 -8.78 -4.10
C ASP B 260 -19.68 -7.57 -4.95
N GLU B 261 -20.46 -6.63 -4.41
CA GLU B 261 -20.84 -5.44 -5.15
C GLU B 261 -19.66 -4.48 -5.29
N GLN B 262 -18.84 -4.38 -4.24
CA GLN B 262 -17.63 -3.58 -4.33
C GLN B 262 -16.69 -4.14 -5.37
N THR B 263 -16.53 -5.47 -5.38
CA THR B 263 -15.70 -6.12 -6.40
C THR B 263 -16.29 -5.90 -7.79
N GLN B 264 -17.62 -5.95 -7.92
CA GLN B 264 -18.23 -5.73 -9.22
C GLN B 264 -17.95 -4.33 -9.77
N LYS B 265 -17.79 -3.34 -8.90
CA LYS B 265 -17.49 -2.00 -9.40
C LYS B 265 -16.13 -1.95 -10.09
N VAL B 266 -15.16 -2.69 -9.55
CA VAL B 266 -13.85 -2.79 -10.19
C VAL B 266 -13.96 -3.44 -11.56
N ILE B 267 -14.76 -4.50 -11.67
CA ILE B 267 -14.94 -5.20 -12.94
C ILE B 267 -15.67 -4.32 -13.94
N ASP B 268 -16.76 -3.68 -13.51
CA ASP B 268 -17.54 -2.85 -14.41
C ASP B 268 -16.73 -1.68 -14.96
N ALA B 269 -15.74 -1.20 -14.20
CA ALA B 269 -14.88 -0.12 -14.67
C ALA B 269 -13.83 -0.58 -15.67
N GLY B 270 -13.73 -1.87 -15.94
CA GLY B 270 -12.82 -2.37 -16.95
C GLY B 270 -11.45 -2.82 -16.45
N ALA B 271 -11.29 -3.03 -15.14
CA ALA B 271 -9.97 -3.35 -14.61
C ALA B 271 -9.37 -4.62 -15.22
N LEU B 272 -10.21 -5.62 -15.53
CA LEU B 272 -9.65 -6.92 -15.95
C LEU B 272 -8.88 -6.80 -17.26
N ALA B 273 -9.22 -5.83 -18.11
CA ALA B 273 -8.53 -5.67 -19.39
C ALA B 273 -7.08 -5.29 -19.21
N VAL B 274 -6.69 -4.77 -18.04
CA VAL B 274 -5.31 -4.40 -17.78
C VAL B 274 -4.48 -5.58 -17.30
N PHE B 275 -5.11 -6.66 -16.88
CA PHE B 275 -4.37 -7.70 -16.17
C PHE B 275 -3.49 -8.58 -17.07
N PRO B 276 -3.73 -8.70 -18.39
CA PRO B 276 -2.69 -9.38 -19.20
C PRO B 276 -1.32 -8.73 -19.05
N SER B 277 -1.27 -7.40 -19.03
CA SER B 277 0.01 -6.72 -18.81
C SER B 277 0.46 -6.81 -17.36
N LEU B 278 -0.46 -6.67 -16.41
CA LEU B 278 -0.05 -6.71 -15.01
C LEU B 278 0.50 -8.07 -14.61
N LEU B 279 -0.14 -9.14 -15.08
CA LEU B 279 0.28 -10.49 -14.71
C LEU B 279 1.51 -10.96 -15.45
N THR B 280 2.03 -10.18 -16.40
CA THR B 280 3.32 -10.44 -17.01
C THR B 280 4.32 -9.31 -16.75
N ASN B 281 4.02 -8.42 -15.81
CA ASN B 281 4.86 -7.23 -15.60
C ASN B 281 6.23 -7.66 -15.08
N PRO B 282 7.33 -7.13 -15.64
CA PRO B 282 8.67 -7.51 -15.15
C PRO B 282 8.98 -6.95 -13.77
N LYS B 283 8.21 -5.99 -13.25
CA LYS B 283 8.36 -5.51 -11.88
C LYS B 283 7.73 -6.53 -10.94
N THR B 284 8.57 -7.22 -10.17
CA THR B 284 8.13 -8.37 -9.37
C THR B 284 6.93 -8.06 -8.49
N ASN B 285 6.95 -6.93 -7.78
CA ASN B 285 5.87 -6.61 -6.86
C ASN B 285 4.57 -6.30 -7.57
N ILE B 286 4.63 -5.73 -8.79
CA ILE B 286 3.41 -5.50 -9.57
C ILE B 286 2.76 -6.82 -9.94
N GLN B 287 3.56 -7.73 -10.48
CA GLN B 287 3.02 -9.02 -10.92
C GLN B 287 2.46 -9.81 -9.74
N LYS B 288 3.15 -9.76 -8.60
CA LYS B 288 2.70 -10.51 -7.42
C LYS B 288 1.42 -9.91 -6.83
N GLU B 289 1.35 -8.58 -6.74
CA GLU B 289 0.12 -7.99 -6.23
C GLU B 289 -1.04 -8.13 -7.20
N ALA B 290 -0.76 -8.17 -8.51
CA ALA B 290 -1.83 -8.43 -9.46
C ALA B 290 -2.35 -9.86 -9.30
N THR B 291 -1.46 -10.80 -8.98
CA THR B 291 -1.90 -12.17 -8.76
C THR B 291 -2.74 -12.28 -7.48
N TRP B 292 -2.32 -11.60 -6.40
CA TRP B 292 -3.14 -11.53 -5.20
C TRP B 292 -4.51 -10.92 -5.49
N THR B 293 -4.54 -9.84 -6.26
CA THR B 293 -5.82 -9.22 -6.64
C THR B 293 -6.70 -10.22 -7.37
N MET B 294 -6.14 -10.96 -8.33
CA MET B 294 -6.93 -11.99 -9.00
C MET B 294 -7.44 -13.03 -8.01
N SER B 295 -6.66 -13.34 -6.97
CA SER B 295 -7.10 -14.38 -6.02
C SER B 295 -8.37 -13.94 -5.28
N ASN B 296 -8.49 -12.65 -4.99
CA ASN B 296 -9.72 -12.19 -4.34
C ASN B 296 -10.87 -12.00 -5.32
N ILE B 297 -10.59 -11.82 -6.61
CA ILE B 297 -11.67 -11.81 -7.60
C ILE B 297 -12.17 -13.23 -7.84
N THR B 298 -11.26 -14.23 -7.89
CA THR B 298 -11.73 -15.60 -8.08
C THR B 298 -12.36 -16.19 -6.82
N ALA B 299 -12.30 -15.48 -5.70
CA ALA B 299 -13.08 -15.82 -4.53
C ALA B 299 -14.48 -15.21 -4.56
N GLY B 300 -14.86 -14.57 -5.67
CA GLY B 300 -16.15 -13.93 -5.80
C GLY B 300 -17.21 -14.85 -6.38
N ARG B 301 -18.22 -14.23 -6.96
CA ARG B 301 -19.37 -14.93 -7.52
C ARG B 301 -19.00 -15.67 -8.79
N GLN B 302 -19.86 -16.62 -9.19
CA GLN B 302 -19.59 -17.37 -10.41
C GLN B 302 -19.63 -16.48 -11.64
N ASP B 303 -20.47 -15.44 -11.63
CA ASP B 303 -20.49 -14.52 -12.77
C ASP B 303 -19.24 -13.67 -12.82
N GLN B 304 -18.58 -13.45 -11.67
CA GLN B 304 -17.31 -12.74 -11.66
C GLN B 304 -16.17 -13.64 -12.13
N ILE B 305 -16.19 -14.92 -11.72
CA ILE B 305 -15.28 -15.88 -12.33
C ILE B 305 -15.47 -15.95 -13.84
N GLN B 306 -16.72 -15.88 -14.32
CA GLN B 306 -16.92 -15.93 -15.76
C GLN B 306 -16.31 -14.72 -16.47
N GLN B 307 -16.27 -13.57 -15.80
CA GLN B 307 -15.64 -12.41 -16.41
C GLN B 307 -14.12 -12.54 -16.44
N VAL B 308 -13.54 -13.21 -15.44
CA VAL B 308 -12.13 -13.60 -15.52
C VAL B 308 -11.90 -14.49 -16.74
N VAL B 309 -12.76 -15.49 -16.91
CA VAL B 309 -12.67 -16.37 -18.08
C VAL B 309 -12.77 -15.58 -19.38
N ASN B 310 -13.77 -14.71 -19.48
CA ASN B 310 -14.04 -14.02 -20.74
C ASN B 310 -12.90 -13.08 -21.13
N HIS B 311 -12.26 -12.44 -20.15
CA HIS B 311 -11.10 -11.58 -20.41
C HIS B 311 -9.84 -12.36 -20.73
N GLY B 312 -9.92 -13.69 -20.79
CA GLY B 312 -8.76 -14.48 -21.18
C GLY B 312 -7.71 -14.60 -20.11
N LEU B 313 -8.09 -14.47 -18.86
CA LEU B 313 -7.09 -14.38 -17.81
C LEU B 313 -6.69 -15.73 -17.24
N VAL B 314 -7.44 -16.80 -17.51
CA VAL B 314 -7.02 -18.12 -17.03
C VAL B 314 -5.68 -18.53 -17.64
N PRO B 315 -5.44 -18.43 -18.96
CA PRO B 315 -4.06 -18.68 -19.45
C PRO B 315 -2.99 -17.86 -18.75
N PHE B 316 -3.31 -16.62 -18.35
CA PHE B 316 -2.30 -15.83 -17.69
C PHE B 316 -2.00 -16.35 -16.28
N LEU B 317 -3.02 -16.84 -15.58
CA LEU B 317 -2.79 -17.48 -14.28
C LEU B 317 -2.03 -18.79 -14.44
N VAL B 318 -2.34 -19.57 -15.49
CA VAL B 318 -1.51 -20.73 -15.78
C VAL B 318 -0.05 -20.31 -15.97
N GLY B 319 0.16 -19.20 -16.68
CA GLY B 319 1.52 -18.72 -16.91
C GLY B 319 2.24 -18.35 -15.62
N VAL B 320 1.57 -17.60 -14.75
CA VAL B 320 2.21 -17.21 -13.47
C VAL B 320 2.53 -18.45 -12.64
N LEU B 321 1.61 -19.42 -12.59
CA LEU B 321 1.88 -20.64 -11.85
C LEU B 321 3.05 -21.41 -12.46
N SER B 322 3.17 -21.38 -13.79
CA SER B 322 4.24 -22.10 -14.49
C SER B 322 5.61 -21.46 -14.25
N LYS B 323 5.69 -20.13 -14.27
CA LYS B 323 6.99 -19.48 -14.16
C LYS B 323 6.82 -18.10 -13.54
N ALA B 324 7.37 -17.93 -12.34
CA ALA B 324 7.39 -16.69 -11.59
C ALA B 324 8.26 -16.97 -10.37
N ASP B 325 8.58 -15.92 -9.61
CA ASP B 325 9.31 -16.25 -8.38
C ASP B 325 8.38 -17.01 -7.43
N PHE B 326 8.98 -17.70 -6.46
CA PHE B 326 8.24 -18.69 -5.68
C PHE B 326 7.08 -18.07 -4.93
N LYS B 327 7.29 -16.90 -4.31
CA LYS B 327 6.19 -16.25 -3.60
C LYS B 327 5.03 -15.92 -4.54
N THR B 328 5.34 -15.49 -5.76
CA THR B 328 4.30 -15.19 -6.74
C THR B 328 3.57 -16.46 -7.17
N GLN B 329 4.32 -17.54 -7.42
CA GLN B 329 3.68 -18.82 -7.74
C GLN B 329 2.72 -19.24 -6.66
N LYS B 330 3.09 -19.03 -5.39
CA LYS B 330 2.18 -19.38 -4.31
C LYS B 330 0.94 -18.49 -4.29
N GLU B 331 1.09 -17.19 -4.59
CA GLU B 331 -0.10 -16.37 -4.74
C GLU B 331 -1.01 -16.91 -5.84
N ALA B 332 -0.42 -17.41 -6.92
CA ALA B 332 -1.23 -17.96 -8.02
C ALA B 332 -1.92 -19.24 -7.60
N ALA B 333 -1.25 -20.07 -6.80
CA ALA B 333 -1.87 -21.29 -6.29
C ALA B 333 -3.13 -20.97 -5.48
N TRP B 334 -3.07 -19.95 -4.64
CA TRP B 334 -4.25 -19.50 -3.91
C TRP B 334 -5.35 -19.03 -4.87
N ALA B 335 -4.99 -18.26 -5.90
CA ALA B 335 -5.99 -17.82 -6.86
C ALA B 335 -6.69 -19.01 -7.51
N ILE B 336 -5.93 -20.06 -7.81
CA ILE B 336 -6.51 -21.27 -8.43
C ILE B 336 -7.40 -22.01 -7.44
N THR B 337 -6.93 -22.16 -6.19
CA THR B 337 -7.77 -22.90 -5.25
C THR B 337 -9.09 -22.16 -4.98
N ASN B 338 -9.06 -20.82 -4.90
CA ASN B 338 -10.32 -20.07 -4.77
C ASN B 338 -11.23 -20.30 -5.97
N TYR B 339 -10.66 -20.25 -7.18
CA TYR B 339 -11.44 -20.48 -8.39
C TYR B 339 -12.11 -21.85 -8.34
N THR B 340 -11.37 -22.89 -7.96
CA THR B 340 -11.93 -24.24 -7.94
C THR B 340 -12.93 -24.43 -6.83
N SER B 341 -12.88 -23.59 -5.79
CA SER B 341 -13.85 -23.70 -4.70
C SER B 341 -15.19 -23.09 -5.07
N GLY B 342 -15.18 -22.01 -5.84
CA GLY B 342 -16.42 -21.31 -6.13
C GLY B 342 -16.94 -21.44 -7.54
N GLY B 343 -16.13 -21.96 -8.46
CA GLY B 343 -16.52 -21.99 -9.87
C GLY B 343 -17.54 -23.08 -10.20
N THR B 344 -18.20 -22.90 -11.34
CA THR B 344 -19.07 -23.96 -11.86
C THR B 344 -18.23 -25.12 -12.35
N VAL B 345 -18.89 -26.27 -12.54
CA VAL B 345 -18.20 -27.41 -13.11
C VAL B 345 -17.59 -27.05 -14.46
N GLU B 346 -18.34 -26.31 -15.29
CA GLU B 346 -17.83 -25.89 -16.59
C GLU B 346 -16.62 -24.97 -16.47
N GLN B 347 -16.63 -24.07 -15.50
CA GLN B 347 -15.48 -23.19 -15.30
C GLN B 347 -14.26 -23.97 -14.82
N ILE B 348 -14.49 -25.01 -14.00
CA ILE B 348 -13.38 -25.75 -13.43
C ILE B 348 -12.70 -26.61 -14.48
N VAL B 349 -13.46 -27.33 -15.30
CA VAL B 349 -12.77 -28.14 -16.30
C VAL B 349 -12.14 -27.27 -17.38
N TYR B 350 -12.61 -26.04 -17.55
CA TYR B 350 -11.91 -25.11 -18.45
C TYR B 350 -10.50 -24.82 -17.94
N LEU B 351 -10.32 -24.73 -16.61
CA LEU B 351 -8.97 -24.63 -16.06
C LEU B 351 -8.08 -25.76 -16.56
N VAL B 352 -8.63 -26.97 -16.61
CA VAL B 352 -7.82 -28.10 -17.05
C VAL B 352 -7.50 -27.97 -18.53
N HIS B 353 -8.49 -27.56 -19.33
CA HIS B 353 -8.24 -27.33 -20.76
C HIS B 353 -7.15 -26.29 -20.97
N CYS B 354 -7.03 -25.31 -20.07
CA CYS B 354 -6.00 -24.28 -20.25
C CYS B 354 -4.63 -24.73 -19.78
N GLY B 355 -4.51 -25.90 -19.18
CA GLY B 355 -3.23 -26.43 -18.80
C GLY B 355 -2.84 -26.28 -17.34
N ILE B 356 -3.82 -26.21 -16.42
CA ILE B 356 -3.46 -25.94 -15.03
C ILE B 356 -2.76 -27.12 -14.37
N ILE B 357 -2.97 -28.35 -14.84
CA ILE B 357 -2.57 -29.51 -14.04
C ILE B 357 -1.05 -29.63 -13.95
N GLU B 358 -0.35 -29.54 -15.07
CA GLU B 358 1.09 -29.74 -14.99
C GLU B 358 1.78 -28.73 -14.09
N PRO B 359 1.54 -27.42 -14.19
CA PRO B 359 2.22 -26.50 -13.27
C PRO B 359 1.77 -26.65 -11.82
N LEU B 360 0.54 -27.12 -11.57
CA LEU B 360 0.15 -27.42 -10.19
C LEU B 360 0.97 -28.58 -9.64
N MET B 361 1.10 -29.65 -10.42
CA MET B 361 1.88 -30.79 -9.96
C MET B 361 3.36 -30.44 -9.82
N ASN B 362 3.88 -29.57 -10.68
CA ASN B 362 5.29 -29.17 -10.55
C ASN B 362 5.53 -28.45 -9.22
N LEU B 363 4.58 -27.61 -8.80
CA LEU B 363 4.77 -26.84 -7.57
C LEU B 363 4.67 -27.72 -6.33
N LEU B 364 4.10 -28.92 -6.46
CA LEU B 364 3.97 -29.85 -5.36
C LEU B 364 5.32 -30.44 -4.94
N SER B 365 6.40 -30.11 -5.66
CA SER B 365 7.73 -30.46 -5.19
C SER B 365 8.16 -29.65 -3.97
N ALA B 366 7.48 -28.53 -3.71
CA ALA B 366 7.79 -27.72 -2.54
C ALA B 366 7.59 -28.55 -1.27
N LYS B 367 8.44 -28.33 -0.28
CA LYS B 367 8.35 -29.09 0.96
C LYS B 367 7.49 -28.40 2.02
N ASP B 368 7.15 -27.13 1.82
CA ASP B 368 6.32 -26.38 2.76
C ASP B 368 4.94 -27.03 2.91
N THR B 369 4.61 -27.39 4.17
CA THR B 369 3.31 -28.02 4.44
C THR B 369 2.15 -27.16 3.95
N LYS B 370 2.27 -25.83 4.06
CA LYS B 370 1.13 -24.97 3.77
C LYS B 370 0.75 -25.00 2.30
N ILE B 371 1.73 -24.84 1.40
CA ILE B 371 1.41 -24.82 -0.02
C ILE B 371 0.96 -26.20 -0.51
N ILE B 372 1.48 -27.26 0.12
CA ILE B 372 1.05 -28.62 -0.25
C ILE B 372 -0.45 -28.75 -0.05
N GLN B 373 -0.97 -28.29 1.09
CA GLN B 373 -2.39 -28.40 1.37
C GLN B 373 -3.21 -27.58 0.37
N VAL B 374 -2.71 -26.40 0.00
CA VAL B 374 -3.39 -25.56 -0.97
C VAL B 374 -3.52 -26.30 -2.30
N ILE B 375 -2.44 -26.93 -2.76
CA ILE B 375 -2.47 -27.62 -4.05
C ILE B 375 -3.37 -28.85 -3.97
N LEU B 376 -3.26 -29.63 -2.89
CA LEU B 376 -4.08 -30.84 -2.77
C LEU B 376 -5.57 -30.49 -2.73
N ASP B 377 -5.93 -29.36 -2.09
CA ASP B 377 -7.32 -28.91 -2.09
C ASP B 377 -7.79 -28.58 -3.50
N ALA B 378 -6.97 -27.84 -4.26
CA ALA B 378 -7.32 -27.54 -5.65
C ALA B 378 -7.52 -28.81 -6.46
N ILE B 379 -6.61 -29.79 -6.30
CA ILE B 379 -6.73 -31.03 -7.07
C ILE B 379 -8.01 -31.77 -6.68
N SER B 380 -8.34 -31.78 -5.39
CA SER B 380 -9.57 -32.43 -4.94
C SER B 380 -10.80 -31.76 -5.55
N ASN B 381 -10.82 -30.43 -5.55
CA ASN B 381 -11.95 -29.71 -6.16
C ASN B 381 -12.06 -29.97 -7.66
N ILE B 382 -10.92 -30.03 -8.35
CA ILE B 382 -10.98 -30.33 -9.78
C ILE B 382 -11.51 -31.74 -10.03
N PHE B 383 -11.06 -32.72 -9.23
CA PHE B 383 -11.58 -34.07 -9.41
C PHE B 383 -13.09 -34.14 -9.15
N GLN B 384 -13.58 -33.37 -8.19
CA GLN B 384 -15.02 -33.41 -7.91
C GLN B 384 -15.82 -32.88 -9.08
N ALA B 385 -15.32 -31.85 -9.76
CA ALA B 385 -15.95 -31.39 -10.99
C ALA B 385 -15.85 -32.45 -12.08
N ALA B 386 -14.68 -33.05 -12.24
CA ALA B 386 -14.53 -34.10 -13.25
C ALA B 386 -15.45 -35.27 -12.98
N GLU B 387 -15.74 -35.56 -11.70
CA GLU B 387 -16.65 -36.65 -11.40
C GLU B 387 -18.05 -36.38 -11.95
N LYS B 388 -18.52 -35.14 -11.84
CA LYS B 388 -19.84 -34.79 -12.36
C LYS B 388 -19.87 -34.85 -13.88
N LEU B 389 -18.74 -34.64 -14.54
CA LEU B 389 -18.72 -34.66 -16.00
C LEU B 389 -18.34 -36.02 -16.57
N GLY B 390 -17.82 -36.94 -15.75
CA GLY B 390 -17.34 -38.20 -16.28
C GLY B 390 -15.93 -38.15 -16.81
N GLU B 391 -15.11 -37.23 -16.30
CA GLU B 391 -13.77 -37.01 -16.82
C GLU B 391 -12.68 -37.43 -15.84
N THR B 392 -12.98 -38.24 -14.82
CA THR B 392 -11.94 -38.50 -13.83
C THR B 392 -10.78 -39.31 -14.43
N GLU B 393 -11.05 -40.24 -15.34
CA GLU B 393 -9.98 -41.05 -15.89
C GLU B 393 -9.04 -40.23 -16.75
N LYS B 394 -9.57 -39.28 -17.53
CA LYS B 394 -8.73 -38.35 -18.26
C LYS B 394 -7.81 -37.58 -17.32
N LEU B 395 -8.37 -37.07 -16.23
CA LEU B 395 -7.56 -36.30 -15.28
C LEU B 395 -6.49 -37.18 -14.62
N SER B 396 -6.86 -38.40 -14.23
CA SER B 396 -5.89 -39.29 -13.59
C SER B 396 -4.70 -39.56 -14.51
N ILE B 397 -4.97 -39.82 -15.79
CA ILE B 397 -3.90 -40.06 -16.75
C ILE B 397 -3.01 -38.83 -16.88
N MET B 398 -3.62 -37.65 -16.91
CA MET B 398 -2.86 -36.41 -17.01
C MET B 398 -1.95 -36.23 -15.81
N ILE B 399 -2.46 -36.55 -14.61
CA ILE B 399 -1.66 -36.38 -13.40
C ILE B 399 -0.52 -37.38 -13.38
N GLU B 400 -0.77 -38.62 -13.81
CA GLU B 400 0.28 -39.62 -13.83
C GLU B 400 1.37 -39.24 -14.84
N GLU B 401 0.98 -38.73 -16.01
CA GLU B 401 1.93 -38.54 -17.09
C GLU B 401 2.91 -37.40 -16.84
N CYS B 402 2.56 -36.41 -16.01
CA CYS B 402 3.50 -35.33 -15.70
C CYS B 402 4.27 -35.59 -14.40
N GLY B 403 4.21 -36.81 -13.87
CA GLY B 403 4.89 -37.14 -12.64
C GLY B 403 4.16 -36.76 -11.37
N GLY B 404 2.90 -36.32 -11.50
CA GLY B 404 2.18 -35.87 -10.32
C GLY B 404 1.74 -37.01 -9.42
N LEU B 405 1.46 -38.17 -9.99
CA LEU B 405 1.04 -39.30 -9.16
C LEU B 405 2.17 -39.74 -8.23
N ASP B 406 3.41 -39.78 -8.75
CA ASP B 406 4.56 -40.10 -7.90
C ASP B 406 4.60 -39.20 -6.67
N LYS B 407 4.39 -37.90 -6.87
CA LYS B 407 4.39 -36.96 -5.75
C LYS B 407 3.27 -37.26 -4.77
N ILE B 408 2.04 -37.37 -5.28
CA ILE B 408 0.89 -37.64 -4.41
C ILE B 408 1.09 -38.94 -3.66
N GLU B 409 1.54 -39.98 -4.37
CA GLU B 409 1.72 -41.28 -3.73
C GLU B 409 2.73 -41.20 -2.59
N ALA B 410 3.78 -40.41 -2.76
CA ALA B 410 4.79 -40.30 -1.71
C ALA B 410 4.32 -39.46 -0.55
N LEU B 411 3.39 -38.53 -0.79
CA LEU B 411 2.83 -37.71 0.28
C LEU B 411 1.92 -38.50 1.21
N GLN B 412 1.56 -39.74 0.84
CA GLN B 412 0.88 -40.61 1.78
C GLN B 412 1.74 -40.97 2.97
N ARG B 413 3.04 -40.67 2.93
CA ARG B 413 3.95 -40.95 4.03
C ARG B 413 4.55 -39.68 4.61
N HIS B 414 3.95 -38.54 4.28
CA HIS B 414 4.31 -37.28 4.90
C HIS B 414 4.04 -37.33 6.40
N GLU B 415 4.74 -36.47 7.14
CA GLU B 415 4.58 -36.43 8.59
C GLU B 415 3.29 -35.75 9.02
N ASN B 416 2.83 -34.75 8.26
CA ASN B 416 1.65 -33.99 8.62
C ASN B 416 0.38 -34.78 8.34
N GLU B 417 -0.54 -34.81 9.31
CA GLU B 417 -1.74 -35.63 9.19
C GLU B 417 -2.68 -35.12 8.11
N SER B 418 -2.79 -33.80 7.96
CA SER B 418 -3.68 -33.25 6.94
C SER B 418 -3.18 -33.55 5.53
N VAL B 419 -1.88 -33.46 5.32
CA VAL B 419 -1.30 -33.82 4.03
C VAL B 419 -1.50 -35.31 3.77
N TYR B 420 -1.18 -36.11 4.77
CA TYR B 420 -1.16 -37.55 4.59
C TYR B 420 -2.55 -38.11 4.30
N LYS B 421 -3.58 -37.52 4.91
CA LYS B 421 -4.93 -38.04 4.68
C LYS B 421 -5.53 -37.55 3.36
N ALA B 422 -5.21 -36.33 2.94
CA ALA B 422 -5.68 -35.84 1.65
C ALA B 422 -5.07 -36.62 0.49
N SER B 423 -3.78 -36.95 0.60
CA SER B 423 -3.15 -37.72 -0.48
C SER B 423 -3.65 -39.15 -0.50
N LEU B 424 -3.82 -39.77 0.67
CA LEU B 424 -4.43 -41.09 0.74
C LEU B 424 -5.79 -41.09 0.06
N ASN B 425 -6.61 -40.07 0.35
CA ASN B 425 -7.95 -40.02 -0.21
C ASN B 425 -7.93 -39.93 -1.73
N LEU B 426 -7.05 -39.09 -2.27
CA LEU B 426 -6.92 -39.01 -3.73
C LEU B 426 -6.47 -40.34 -4.32
N ILE B 427 -5.53 -41.03 -3.65
CA ILE B 427 -5.06 -42.31 -4.17
C ILE B 427 -6.19 -43.33 -4.17
N GLU B 428 -6.96 -43.40 -3.07
CA GLU B 428 -8.00 -44.42 -2.97
C GLU B 428 -9.12 -44.17 -3.99
N LYS B 429 -9.50 -42.91 -4.19
CA LYS B 429 -10.65 -42.61 -5.05
C LYS B 429 -10.32 -42.66 -6.53
N TYR B 430 -9.13 -42.20 -6.92
CA TYR B 430 -8.88 -41.94 -8.33
C TYR B 430 -7.71 -42.71 -8.92
N PHE B 431 -6.90 -43.39 -8.12
CA PHE B 431 -5.71 -44.04 -8.65
C PHE B 431 -5.61 -45.48 -8.18
N SER B 432 -6.75 -46.12 -7.97
CA SER B 432 -6.81 -47.54 -7.68
C SER B 432 -7.40 -48.29 -8.88
#